data_1XRK
#
_entry.id   1XRK
#
_cell.length_a   43.983
_cell.length_b   66.617
_cell.length_c   47.179
_cell.angle_alpha   90.00
_cell.angle_beta   117.43
_cell.angle_gamma   90.00
#
_symmetry.space_group_name_H-M   'P 1 21 1'
#
loop_
_entity.id
_entity.type
_entity.pdbx_description
1 polymer 'Bleomycin resistance protein'
2 non-polymer 'SULFATE ION'
3 non-polymer 'BLEOMYCIN A2'
4 water water
#
_entity_poly.entity_id   1
_entity_poly.type   'polypeptide(L)'
_entity_poly.pdbx_seq_one_letter_code
;MAKLTSAVPVLTARDVAEAVEFWTDRLGFSRVFVEDDFAGVVRDDVTLFISAVQDQVVPDNTQAWVWVRGLDELYAEWSE
VVSTNFRDASGPAMTEIVEQPWGREFALRDPAGNCVHFVAEEQD
;
_entity_poly.pdbx_strand_id   A,B
#
loop_
_chem_comp.id
_chem_comp.type
_chem_comp.name
_chem_comp.formula
BLM non-polymer 'BLEOMYCIN A2' 'C55 H85 N17 O21 S3'
SO4 non-polymer 'SULFATE ION' 'O4 S -2'
#
# COMPACT_ATOMS: atom_id res chain seq x y z
N ALA A 2 -13.07 -16.38 -7.75
CA ALA A 2 -12.42 -15.04 -7.94
C ALA A 2 -10.91 -15.13 -7.81
N LYS A 3 -10.21 -14.14 -8.35
CA LYS A 3 -8.77 -14.05 -8.26
C LYS A 3 -8.32 -12.63 -7.98
N LEU A 4 -7.50 -12.48 -6.96
CA LEU A 4 -6.87 -11.20 -6.67
C LEU A 4 -5.57 -11.14 -7.47
N THR A 5 -5.47 -10.18 -8.38
CA THR A 5 -4.43 -10.16 -9.41
C THR A 5 -3.25 -9.21 -9.17
N SER A 6 -3.51 -8.10 -8.47
CA SER A 6 -2.46 -7.14 -8.19
C SER A 6 -2.97 -6.14 -7.17
N ALA A 7 -2.05 -5.37 -6.58
CA ALA A 7 -2.37 -4.45 -5.53
C ALA A 7 -1.63 -3.15 -5.72
N VAL A 8 -2.21 -2.06 -5.21
CA VAL A 8 -1.72 -0.72 -5.33
C VAL A 8 -1.60 -0.11 -3.93
N PRO A 9 -0.38 0.09 -3.43
CA PRO A 9 -0.17 0.83 -2.20
C PRO A 9 -0.66 2.25 -2.31
N VAL A 10 -1.09 2.82 -1.20
CA VAL A 10 -1.48 4.20 -1.12
C VAL A 10 -0.53 4.94 -0.18
N LEU A 11 0.37 5.74 -0.77
CA LEU A 11 1.20 6.66 -0.04
C LEU A 11 0.34 7.79 0.46
N THR A 12 0.78 8.47 1.51
CA THR A 12 0.03 9.60 2.03
C THR A 12 0.89 10.87 2.02
N ALA A 13 0.24 12.02 2.01
CA ALA A 13 1.00 13.28 1.97
C ALA A 13 0.15 14.43 2.38
N ARG A 14 0.76 15.36 3.12
CA ARG A 14 0.10 16.64 3.36
C ARG A 14 0.04 17.47 2.08
N ASP A 15 1.02 17.30 1.21
CA ASP A 15 1.10 18.03 -0.06
C ASP A 15 1.23 17.01 -1.21
N VAL A 16 0.11 16.69 -1.83
CA VAL A 16 0.05 15.66 -2.86
C VAL A 16 0.79 16.12 -4.11
N ALA A 17 0.63 17.38 -4.47
CA ALA A 17 1.30 17.94 -5.65
C ALA A 17 2.81 17.75 -5.58
N GLU A 18 3.37 18.05 -4.41
CA GLU A 18 4.80 17.92 -4.16
C GLU A 18 5.24 16.46 -4.32
N ALA A 19 4.42 15.55 -3.77
CA ALA A 19 4.72 14.11 -3.88
C ALA A 19 4.70 13.62 -5.32
N VAL A 20 3.70 14.08 -6.08
CA VAL A 20 3.60 13.71 -7.49
C VAL A 20 4.82 14.18 -8.31
N GLU A 21 5.25 15.42 -8.06
CA GLU A 21 6.41 15.96 -8.77
C GLU A 21 7.67 15.12 -8.49
N PHE A 22 7.80 14.72 -7.23
CA PHE A 22 8.96 13.90 -6.84
C PHE A 22 8.94 12.53 -7.52
N TRP A 23 7.82 11.82 -7.37
CA TRP A 23 7.72 10.48 -7.93
C TRP A 23 7.83 10.42 -9.46
N THR A 24 7.32 11.44 -10.16
CA THR A 24 7.38 11.45 -11.62
C THR A 24 8.70 12.08 -12.10
N ASP A 25 8.93 13.33 -11.76
CA ASP A 25 10.13 14.03 -12.27
C ASP A 25 11.45 13.55 -11.66
N ARG A 26 11.46 13.23 -10.36
CA ARG A 26 12.70 12.74 -9.76
C ARG A 26 12.92 11.26 -10.05
N LEU A 27 11.90 10.44 -9.82
CA LEU A 27 12.09 8.99 -9.83
C LEU A 27 11.64 8.31 -11.13
N GLY A 28 11.06 9.04 -12.06
CA GLY A 28 10.77 8.45 -13.36
C GLY A 28 9.45 7.70 -13.52
N PHE A 29 8.50 7.91 -12.61
CA PHE A 29 7.16 7.39 -12.81
C PHE A 29 6.41 8.32 -13.79
N SER A 30 5.29 7.85 -14.33
CA SER A 30 4.38 8.75 -15.08
C SER A 30 3.08 8.93 -14.34
N ARG A 31 2.36 9.97 -14.69
CA ARG A 31 1.04 10.23 -14.13
C ARG A 31 -0.02 9.29 -14.70
N VAL A 32 -0.77 8.67 -13.81
CA VAL A 32 -1.97 7.94 -14.22
C VAL A 32 -3.14 8.94 -14.20
N PHE A 33 -3.27 9.64 -13.08
CA PHE A 33 -4.21 10.74 -12.92
C PHE A 33 -3.74 11.62 -11.77
N VAL A 34 -4.18 12.86 -11.75
CA VAL A 34 -3.77 13.78 -10.70
C VAL A 34 -4.92 14.70 -10.32
N GLU A 35 -5.32 14.61 -9.05
CA GLU A 35 -6.23 15.56 -8.45
C GLU A 35 -5.59 16.16 -7.22
N ASP A 36 -6.24 17.18 -6.66
CA ASP A 36 -5.72 17.90 -5.50
C ASP A 36 -5.54 17.01 -4.28
N ASP A 37 -6.48 16.08 -4.09
CA ASP A 37 -6.55 15.25 -2.90
C ASP A 37 -6.05 13.81 -3.11
N PHE A 38 -5.82 13.43 -4.36
CA PHE A 38 -5.53 12.03 -4.70
C PHE A 38 -4.86 11.95 -6.06
N ALA A 39 -3.84 11.12 -6.20
CA ALA A 39 -3.15 10.97 -7.49
C ALA A 39 -2.69 9.54 -7.65
N GLY A 40 -2.31 9.17 -8.87
CA GLY A 40 -1.72 7.88 -9.14
C GLY A 40 -0.55 8.05 -10.07
N VAL A 41 0.52 7.30 -9.79
CA VAL A 41 1.74 7.29 -10.61
C VAL A 41 2.12 5.85 -10.93
N VAL A 42 2.77 5.65 -12.07
CA VAL A 42 3.10 4.29 -12.50
C VAL A 42 4.50 4.22 -13.11
N ARG A 43 5.19 3.12 -12.85
CA ARG A 43 6.45 2.80 -13.50
C ARG A 43 6.46 1.30 -13.73
N ASP A 44 6.69 0.90 -14.98
CA ASP A 44 6.69 -0.51 -15.35
C ASP A 44 5.34 -1.13 -14.94
N ASP A 45 5.37 -2.21 -14.13
CA ASP A 45 4.14 -2.89 -13.71
C ASP A 45 3.54 -2.38 -12.42
N VAL A 46 4.14 -1.36 -11.82
CA VAL A 46 3.77 -0.92 -10.49
C VAL A 46 3.13 0.45 -10.48
N THR A 47 1.92 0.51 -9.94
CA THR A 47 1.21 1.74 -9.65
C THR A 47 1.24 2.03 -8.16
N LEU A 48 1.49 3.29 -7.83
CA LEU A 48 1.33 3.83 -6.46
C LEU A 48 0.29 4.93 -6.48
N PHE A 49 -0.63 4.90 -5.53
CA PHE A 49 -1.52 6.03 -5.31
C PHE A 49 -0.96 6.91 -4.19
N ILE A 50 -1.39 8.18 -4.17
CA ILE A 50 -0.95 9.16 -3.20
C ILE A 50 -2.20 9.88 -2.74
N SER A 51 -2.47 9.81 -1.45
CA SER A 51 -3.68 10.39 -0.87
C SER A 51 -3.37 11.53 0.09
N ALA A 52 -4.14 12.61 0.04
CA ALA A 52 -3.96 13.71 0.95
C ALA A 52 -4.35 13.37 2.38
N VAL A 53 -3.56 13.87 3.34
CA VAL A 53 -3.88 13.80 4.76
C VAL A 53 -3.59 15.14 5.41
N GLN A 54 -4.10 15.37 6.62
CA GLN A 54 -3.74 16.57 7.38
C GLN A 54 -2.77 16.31 8.53
N ASP A 55 -2.60 15.06 8.91
CA ASP A 55 -1.76 14.70 10.03
C ASP A 55 -0.46 14.11 9.51
N GLN A 56 0.67 14.74 9.82
CA GLN A 56 1.99 14.22 9.39
C GLN A 56 2.31 12.84 9.98
N VAL A 57 1.70 12.48 11.10
CA VAL A 57 1.89 11.16 11.69
C VAL A 57 1.56 10.07 10.67
N VAL A 58 0.63 10.37 9.76
CA VAL A 58 0.19 9.33 8.82
C VAL A 58 1.31 8.96 7.85
N PRO A 59 1.80 9.91 7.04
CA PRO A 59 2.94 9.53 6.18
C PRO A 59 4.16 9.05 6.95
N ASP A 60 4.40 9.58 8.15
CA ASP A 60 5.52 9.14 8.96
C ASP A 60 5.35 7.71 9.44
N ASN A 61 4.17 7.12 9.21
CA ASN A 61 3.92 5.73 9.51
C ASN A 61 3.45 4.93 8.31
N THR A 62 3.58 5.51 7.12
CA THR A 62 3.10 4.85 5.88
C THR A 62 4.28 4.21 5.16
N GLN A 63 4.09 2.98 4.73
CA GLN A 63 5.15 2.21 4.10
C GLN A 63 4.58 1.43 2.93
N ALA A 64 5.46 0.98 2.04
CA ALA A 64 5.08 0.12 0.92
C ALA A 64 6.31 -0.66 0.52
N TRP A 65 6.11 -1.82 -0.10
CA TRP A 65 7.20 -2.66 -0.64
C TRP A 65 6.96 -2.83 -2.12
N VAL A 66 8.04 -2.78 -2.90
CA VAL A 66 8.03 -2.94 -4.32
C VAL A 66 9.11 -3.92 -4.72
N TRP A 67 8.75 -4.91 -5.55
CA TRP A 67 9.68 -5.92 -6.05
C TRP A 67 10.31 -5.42 -7.35
N VAL A 68 11.60 -5.71 -7.50
CA VAL A 68 12.41 -5.15 -8.58
C VAL A 68 13.32 -6.22 -9.15
N ARG A 69 13.30 -6.34 -10.48
CA ARG A 69 14.32 -7.04 -11.25
C ARG A 69 15.38 -6.00 -11.61
N GLY A 70 16.61 -6.20 -11.16
CA GLY A 70 17.71 -5.27 -11.44
C GLY A 70 17.82 -4.17 -10.40
N LEU A 71 17.88 -4.58 -9.13
CA LEU A 71 17.92 -3.64 -8.01
C LEU A 71 19.16 -2.74 -8.08
N ASP A 72 20.31 -3.29 -8.45
CA ASP A 72 21.50 -2.46 -8.54
C ASP A 72 21.37 -1.34 -9.53
N GLU A 73 20.78 -1.64 -10.69
CA GLU A 73 20.57 -0.62 -11.71
C GLU A 73 19.63 0.49 -11.23
N LEU A 74 18.56 0.10 -10.55
CA LEU A 74 17.61 1.07 -10.04
C LEU A 74 18.27 1.96 -9.00
N TYR A 75 19.03 1.34 -8.09
CA TYR A 75 19.75 2.10 -7.08
C TYR A 75 20.74 3.07 -7.74
N ALA A 76 21.42 2.62 -8.79
CA ALA A 76 22.37 3.48 -9.48
C ALA A 76 21.70 4.72 -10.08
N GLU A 77 20.49 4.55 -10.59
CA GLU A 77 19.74 5.67 -11.14
C GLU A 77 19.36 6.65 -10.05
N TRP A 78 18.71 6.13 -9.03
CA TRP A 78 18.11 7.00 -8.02
C TRP A 78 19.14 7.63 -7.09
N SER A 79 20.24 6.94 -6.85
CA SER A 79 21.26 7.47 -5.93
C SER A 79 21.93 8.73 -6.49
N GLU A 80 21.76 9.01 -7.78
CA GLU A 80 22.22 10.26 -8.39
C GLU A 80 21.32 11.46 -8.13
N VAL A 81 20.04 11.22 -7.85
CA VAL A 81 19.04 12.29 -7.74
C VAL A 81 18.40 12.37 -6.35
N VAL A 82 18.75 11.44 -5.48
CA VAL A 82 18.26 11.45 -4.10
C VAL A 82 19.47 11.26 -3.16
N SER A 83 19.42 11.89 -1.99
CA SER A 83 20.52 11.78 -1.03
C SER A 83 20.72 10.34 -0.57
N THR A 84 21.98 9.96 -0.36
CA THR A 84 22.28 8.65 0.18
C THR A 84 22.64 8.73 1.65
N ASN A 85 22.33 9.86 2.28
CA ASN A 85 22.50 10.04 3.73
C ASN A 85 21.11 9.99 4.36
N PHE A 86 20.63 8.77 4.58
CA PHE A 86 19.25 8.54 5.03
C PHE A 86 18.96 9.23 6.37
N ARG A 87 19.90 9.14 7.30
CA ARG A 87 19.70 9.65 8.64
C ARG A 87 19.76 11.18 8.72
N ASP A 88 20.70 11.79 7.98
CA ASP A 88 21.00 13.22 8.10
C ASP A 88 20.30 14.12 7.08
N ALA A 89 19.92 13.60 5.92
CA ALA A 89 19.33 14.43 4.86
C ALA A 89 17.98 14.92 5.30
N SER A 90 17.69 16.20 5.02
CA SER A 90 16.37 16.76 5.29
C SER A 90 15.42 16.38 4.17
N GLY A 91 15.95 16.29 2.95
CA GLY A 91 15.14 16.00 1.78
C GLY A 91 14.88 14.50 1.68
N PRO A 92 14.27 14.09 0.57
CA PRO A 92 14.16 12.67 0.33
C PRO A 92 15.53 12.03 0.40
N ALA A 93 15.57 10.77 0.80
CA ALA A 93 16.85 10.07 0.90
C ALA A 93 16.63 8.59 0.79
N MET A 94 17.72 7.88 0.58
CA MET A 94 17.66 6.43 0.47
C MET A 94 18.79 5.75 1.20
N THR A 95 18.54 4.54 1.67
CA THR A 95 19.56 3.71 2.26
C THR A 95 20.32 3.02 1.14
N GLU A 96 21.44 2.39 1.49
CA GLU A 96 22.13 1.51 0.56
C GLU A 96 21.33 0.22 0.46
N ILE A 97 21.68 -0.61 -0.51
CA ILE A 97 21.13 -1.94 -0.61
C ILE A 97 21.70 -2.81 0.51
N VAL A 98 20.81 -3.44 1.28
CA VAL A 98 21.20 -4.26 2.42
C VAL A 98 20.62 -5.66 2.29
N GLU A 99 21.38 -6.67 2.68
CA GLU A 99 20.86 -8.04 2.68
C GLU A 99 20.16 -8.34 4.00
N GLN A 100 18.84 -8.19 3.98
CA GLN A 100 18.00 -8.50 5.12
C GLN A 100 17.66 -10.00 5.11
N PRO A 101 17.24 -10.53 6.28
CA PRO A 101 16.86 -11.95 6.31
C PRO A 101 15.81 -12.35 5.26
N TRP A 102 14.86 -11.46 4.97
CA TRP A 102 13.81 -11.75 4.01
C TRP A 102 14.18 -11.40 2.56
N GLY A 103 15.32 -10.74 2.35
CA GLY A 103 15.72 -10.33 1.01
C GLY A 103 16.64 -9.11 0.95
N ARG A 104 17.12 -8.82 -0.26
CA ARG A 104 18.04 -7.73 -0.53
C ARG A 104 17.22 -6.51 -0.93
N GLU A 105 17.39 -5.38 -0.24
CA GLU A 105 16.54 -4.23 -0.48
C GLU A 105 17.20 -2.92 -0.08
N PHE A 106 16.70 -1.83 -0.64
CA PHE A 106 16.97 -0.49 -0.12
C PHE A 106 15.65 0.15 0.22
N ALA A 107 15.70 1.15 1.10
CA ALA A 107 14.53 1.94 1.45
C ALA A 107 14.70 3.36 1.00
N LEU A 108 13.62 3.93 0.53
CA LEU A 108 13.62 5.31 0.10
C LEU A 108 12.54 6.07 0.87
N ARG A 109 12.90 7.22 1.42
CA ARG A 109 11.97 8.12 2.10
C ARG A 109 11.66 9.27 1.16
N ASP A 110 10.38 9.44 0.83
CA ASP A 110 9.96 10.48 -0.10
C ASP A 110 9.73 11.80 0.66
N PRO A 111 9.44 12.88 -0.07
CA PRO A 111 9.37 14.17 0.66
C PRO A 111 8.23 14.28 1.65
N ALA A 112 7.20 13.45 1.48
CA ALA A 112 6.07 13.40 2.37
C ALA A 112 6.32 12.61 3.63
N GLY A 113 7.40 11.81 3.64
CA GLY A 113 7.73 10.96 4.77
C GLY A 113 7.44 9.48 4.60
N ASN A 114 6.86 9.09 3.47
CA ASN A 114 6.59 7.65 3.24
C ASN A 114 7.89 6.89 3.09
N CYS A 115 7.91 5.65 3.54
CA CYS A 115 9.09 4.80 3.48
C CYS A 115 8.78 3.66 2.55
N VAL A 116 9.38 3.68 1.38
CA VAL A 116 9.10 2.68 0.36
C VAL A 116 10.33 1.81 0.18
N HIS A 117 10.16 0.51 0.34
CA HIS A 117 11.24 -0.46 0.25
C HIS A 117 11.24 -1.11 -1.10
N PHE A 118 12.40 -1.21 -1.70
CA PHE A 118 12.56 -1.82 -3.03
C PHE A 118 13.40 -3.06 -2.85
N VAL A 119 12.84 -4.21 -3.19
CA VAL A 119 13.39 -5.51 -2.84
C VAL A 119 13.69 -6.30 -4.12
N ALA A 120 14.86 -6.92 -4.17
CA ALA A 120 15.23 -7.72 -5.33
C ALA A 120 14.36 -8.94 -5.44
N GLU A 121 13.91 -9.19 -6.67
CA GLU A 121 13.10 -10.36 -6.95
C GLU A 121 14.04 -11.41 -7.53
N ALA B 2 16.28 -1.89 -15.24
CA ALA B 2 15.54 -2.51 -14.11
C ALA B 2 14.06 -2.54 -14.42
N LYS B 3 13.32 -3.37 -13.68
CA LYS B 3 11.87 -3.46 -13.86
C LYS B 3 11.17 -3.57 -12.51
N LEU B 4 10.22 -2.66 -12.27
CA LEU B 4 9.37 -2.75 -11.08
C LEU B 4 8.22 -3.72 -11.39
N THR B 5 8.19 -4.85 -10.70
CA THR B 5 7.36 -5.98 -11.13
C THR B 5 6.07 -6.16 -10.34
N SER B 6 6.08 -5.87 -9.05
CA SER B 6 4.84 -5.88 -8.23
C SER B 6 5.04 -5.08 -6.96
N ALA B 7 3.95 -4.87 -6.23
CA ALA B 7 3.89 -4.04 -5.04
C ALA B 7 3.06 -4.66 -3.96
N VAL B 8 3.43 -4.35 -2.74
CA VAL B 8 2.78 -4.87 -1.56
C VAL B 8 2.38 -3.69 -0.66
N PRO B 9 1.07 -3.40 -0.56
CA PRO B 9 0.57 -2.43 0.40
C PRO B 9 0.86 -2.84 1.84
N VAL B 10 1.03 -1.84 2.70
CA VAL B 10 1.17 -2.07 4.11
C VAL B 10 -0.03 -1.47 4.83
N LEU B 11 -0.90 -2.32 5.33
CA LEU B 11 -1.98 -1.92 6.23
C LEU B 11 -1.39 -1.63 7.61
N THR B 12 -2.10 -0.85 8.42
CA THR B 12 -1.61 -0.56 9.76
C THR B 12 -2.62 -1.03 10.81
N ALA B 13 -2.13 -1.27 12.01
CA ALA B 13 -3.00 -1.73 13.09
C ALA B 13 -2.38 -1.45 14.44
N ARG B 14 -3.24 -1.13 15.41
CA ARG B 14 -2.80 -1.12 16.80
C ARG B 14 -2.59 -2.53 17.33
N ASP B 15 -3.39 -3.47 16.82
CA ASP B 15 -3.34 -4.87 17.23
C ASP B 15 -3.10 -5.73 15.97
N VAL B 16 -1.83 -6.05 15.72
CA VAL B 16 -1.45 -6.79 14.51
C VAL B 16 -2.03 -8.20 14.53
N ALA B 17 -1.98 -8.88 15.67
CA ALA B 17 -2.55 -10.22 15.78
C ALA B 17 -4.04 -10.27 15.39
N GLU B 18 -4.84 -9.33 15.91
CA GLU B 18 -6.26 -9.23 15.54
C GLU B 18 -6.41 -8.99 14.03
N ALA B 19 -5.56 -8.13 13.48
CA ALA B 19 -5.63 -7.88 12.03
C ALA B 19 -5.34 -9.14 11.23
N VAL B 20 -4.31 -9.87 11.61
CA VAL B 20 -3.96 -11.12 10.92
C VAL B 20 -5.14 -12.09 11.01
N GLU B 21 -5.73 -12.22 12.20
CA GLU B 21 -6.84 -13.17 12.39
C GLU B 21 -8.01 -12.80 11.47
N PHE B 22 -8.28 -11.52 11.32
CA PHE B 22 -9.37 -11.07 10.45
C PHE B 22 -9.10 -11.39 8.98
N TRP B 23 -7.93 -10.97 8.50
CA TRP B 23 -7.61 -11.16 7.09
C TRP B 23 -7.53 -12.65 6.73
N THR B 24 -7.19 -13.52 7.69
CA THR B 24 -7.05 -14.97 7.40
C THR B 24 -8.36 -15.70 7.67
N ASP B 25 -8.78 -15.70 8.93
CA ASP B 25 -10.02 -16.43 9.31
C ASP B 25 -11.29 -15.86 8.73
N ARG B 26 -11.38 -14.55 8.60
CA ARG B 26 -12.59 -13.93 8.04
C ARG B 26 -12.55 -13.83 6.51
N LEU B 27 -11.43 -13.36 5.97
CA LEU B 27 -11.37 -13.08 4.55
C LEU B 27 -10.61 -14.11 3.71
N GLY B 28 -10.06 -15.16 4.32
CA GLY B 28 -9.52 -16.27 3.53
C GLY B 28 -8.13 -16.07 2.94
N PHE B 29 -7.41 -15.07 3.43
CA PHE B 29 -6.00 -14.96 3.12
C PHE B 29 -5.25 -16.02 3.94
N SER B 30 -4.04 -16.32 3.50
CA SER B 30 -3.15 -17.27 4.18
C SER B 30 -2.00 -16.51 4.84
N ARG B 31 -1.49 -17.02 5.96
CA ARG B 31 -0.32 -16.41 6.58
C ARG B 31 0.94 -16.62 5.73
N VAL B 32 1.69 -15.55 5.51
CA VAL B 32 3.04 -15.67 4.94
C VAL B 32 4.06 -15.71 6.08
N PHE B 33 3.91 -14.78 7.00
CA PHE B 33 4.75 -14.73 8.20
C PHE B 33 4.06 -13.86 9.22
N VAL B 34 4.30 -14.12 10.51
CA VAL B 34 3.72 -13.30 11.56
C VAL B 34 4.76 -13.01 12.62
N GLU B 35 5.01 -11.74 12.87
CA GLU B 35 5.83 -11.27 13.99
C GLU B 35 4.97 -10.38 14.86
N ASP B 36 5.50 -9.99 16.02
CA ASP B 36 4.76 -9.19 16.95
C ASP B 36 4.26 -7.88 16.36
N ASP B 37 5.12 -7.22 15.57
CA ASP B 37 4.85 -5.85 15.09
C ASP B 37 4.71 -5.73 13.59
N PHE B 38 4.74 -6.87 12.90
CA PHE B 38 4.70 -6.89 11.43
C PHE B 38 4.27 -8.26 10.97
N ALA B 39 3.47 -8.33 9.92
CA ALA B 39 2.95 -9.60 9.42
C ALA B 39 2.65 -9.46 7.93
N GLY B 40 2.58 -10.62 7.26
CA GLY B 40 2.20 -10.72 5.85
C GLY B 40 1.13 -11.77 5.64
N VAL B 41 0.15 -11.43 4.82
CA VAL B 41 -0.93 -12.37 4.42
C VAL B 41 -1.05 -12.34 2.90
N VAL B 42 -1.50 -13.44 2.31
CA VAL B 42 -1.56 -13.56 0.87
C VAL B 42 -2.84 -14.25 0.40
N ARG B 43 -3.38 -13.77 -0.72
CA ARG B 43 -4.45 -14.50 -1.41
C ARG B 43 -4.21 -14.33 -2.89
N ASP B 44 -4.16 -15.46 -3.59
CA ASP B 44 -3.81 -15.48 -5.00
C ASP B 44 -2.50 -14.76 -5.22
N ASP B 45 -2.48 -13.74 -6.08
CA ASP B 45 -1.24 -13.05 -6.41
C ASP B 45 -0.99 -11.83 -5.56
N VAL B 46 -1.86 -11.58 -4.57
CA VAL B 46 -1.76 -10.37 -3.76
C VAL B 46 -1.31 -10.66 -2.32
N THR B 47 -0.20 -10.03 -1.92
CA THR B 47 0.26 -10.01 -0.55
C THR B 47 -0.03 -8.65 0.02
N LEU B 48 -0.49 -8.65 1.27
CA LEU B 48 -0.63 -7.44 2.06
C LEU B 48 0.22 -7.59 3.30
N PHE B 49 0.99 -6.56 3.63
CA PHE B 49 1.67 -6.52 4.91
C PHE B 49 0.81 -5.76 5.92
N ILE B 50 1.08 -6.00 7.20
CA ILE B 50 0.38 -5.33 8.29
C ILE B 50 1.42 -4.91 9.31
N SER B 51 1.43 -3.62 9.65
CA SER B 51 2.44 -3.05 10.53
C SER B 51 1.86 -2.39 11.76
N ALA B 52 2.48 -2.60 12.91
CA ALA B 52 2.03 -2.02 14.15
C ALA B 52 2.26 -0.52 14.17
N VAL B 53 1.26 0.19 14.68
CA VAL B 53 1.33 1.62 14.92
C VAL B 53 0.72 1.93 16.26
N GLN B 54 1.01 3.12 16.78
CA GLN B 54 0.58 3.55 18.09
C GLN B 54 -0.79 4.25 18.10
N ASP B 55 -1.07 4.97 17.03
CA ASP B 55 -2.24 5.86 17.00
C ASP B 55 -3.27 5.40 16.01
N GLN B 56 -4.52 5.43 16.45
CA GLN B 56 -5.67 5.07 15.64
C GLN B 56 -5.81 5.95 14.39
N VAL B 57 -5.28 7.17 14.44
CA VAL B 57 -5.33 8.05 13.28
C VAL B 57 -4.69 7.41 12.06
N VAL B 58 -3.68 6.56 12.27
CA VAL B 58 -2.95 6.05 11.13
C VAL B 58 -3.81 5.03 10.33
N PRO B 59 -4.29 3.94 10.98
CA PRO B 59 -5.17 3.07 10.20
C PRO B 59 -6.40 3.77 9.64
N ASP B 60 -6.98 4.70 10.40
CA ASP B 60 -8.14 5.48 9.91
C ASP B 60 -7.80 6.33 8.69
N ASN B 61 -6.53 6.39 8.30
CA ASN B 61 -6.11 7.13 7.10
C ASN B 61 -5.27 6.26 6.15
N THR B 62 -5.28 4.96 6.38
CA THR B 62 -4.54 4.01 5.54
C THR B 62 -5.50 3.33 4.58
N GLN B 63 -5.06 3.23 3.33
CA GLN B 63 -5.86 2.61 2.28
C GLN B 63 -4.98 1.74 1.40
N ALA B 64 -5.64 0.89 0.65
CA ALA B 64 -5.00 0.08 -0.39
C ALA B 64 -6.03 -0.23 -1.44
N TRP B 65 -5.59 -0.45 -2.68
CA TRP B 65 -6.46 -0.91 -3.76
C TRP B 65 -5.98 -2.27 -4.23
N VAL B 66 -6.94 -3.13 -4.56
CA VAL B 66 -6.68 -4.50 -5.04
C VAL B 66 -7.52 -4.78 -6.26
N TRP B 67 -6.89 -5.24 -7.33
CA TRP B 67 -7.60 -5.61 -8.56
C TRP B 67 -8.07 -7.06 -8.46
N VAL B 68 -9.27 -7.31 -8.98
CA VAL B 68 -9.93 -8.59 -8.85
C VAL B 68 -10.56 -9.02 -10.15
N ARG B 69 -10.39 -10.31 -10.49
CA ARG B 69 -11.29 -10.95 -11.47
C ARG B 69 -12.34 -11.72 -10.72
N GLY B 70 -13.61 -11.46 -11.03
CA GLY B 70 -14.72 -12.08 -10.34
C GLY B 70 -15.15 -11.33 -9.07
N LEU B 71 -15.34 -10.02 -9.20
CA LEU B 71 -15.67 -9.15 -8.09
C LEU B 71 -16.99 -9.54 -7.42
N ASP B 72 -17.99 -9.92 -8.21
CA ASP B 72 -19.29 -10.30 -7.62
C ASP B 72 -19.16 -11.52 -6.75
N GLU B 73 -18.34 -12.46 -7.20
CA GLU B 73 -18.14 -13.68 -6.44
C GLU B 73 -17.41 -13.40 -5.14
N LEU B 74 -16.41 -12.53 -5.19
CA LEU B 74 -15.65 -12.18 -4.01
C LEU B 74 -16.54 -11.48 -3.01
N TYR B 75 -17.34 -10.55 -3.49
CA TYR B 75 -18.29 -9.84 -2.64
C TYR B 75 -19.29 -10.83 -2.01
N ALA B 76 -19.76 -11.78 -2.80
CA ALA B 76 -20.70 -12.79 -2.29
C ALA B 76 -20.07 -13.61 -1.18
N GLU B 77 -18.82 -14.00 -1.38
CA GLU B 77 -18.09 -14.74 -0.36
C GLU B 77 -17.99 -13.94 0.94
N TRP B 78 -17.52 -12.72 0.84
CA TRP B 78 -17.26 -11.94 2.04
C TRP B 78 -18.51 -11.43 2.73
N SER B 79 -19.59 -11.30 1.96
CA SER B 79 -20.90 -10.92 2.53
C SER B 79 -21.46 -11.97 3.47
N GLU B 80 -20.98 -13.20 3.34
CA GLU B 80 -21.36 -14.26 4.26
C GLU B 80 -20.85 -14.02 5.68
N VAL B 81 -19.78 -13.24 5.82
CA VAL B 81 -19.10 -13.10 7.10
C VAL B 81 -18.71 -11.65 7.50
N VAL B 82 -19.03 -10.68 6.65
CA VAL B 82 -18.72 -9.26 6.92
C VAL B 82 -19.99 -8.44 6.76
N SER B 83 -20.21 -7.54 7.72
CA SER B 83 -21.35 -6.63 7.68
C SER B 83 -21.38 -5.80 6.41
N THR B 84 -22.58 -5.55 5.89
CA THR B 84 -22.73 -4.67 4.74
C THR B 84 -23.33 -3.32 5.16
N ASN B 85 -23.21 -2.98 6.44
CA ASN B 85 -23.63 -1.68 6.97
C ASN B 85 -22.37 -0.86 7.21
N PHE B 86 -21.89 -0.27 6.13
CA PHE B 86 -20.59 0.41 6.18
C PHE B 86 -20.56 1.59 7.14
N ARG B 87 -21.68 2.32 7.25
CA ARG B 87 -21.72 3.52 8.04
C ARG B 87 -21.61 3.30 9.56
N ASP B 88 -21.83 2.08 10.02
CA ASP B 88 -21.57 1.72 11.41
C ASP B 88 -20.09 1.35 11.56
N ALA B 89 -19.33 2.28 12.12
CA ALA B 89 -17.88 2.14 12.23
C ALA B 89 -17.43 1.33 13.45
N SER B 90 -18.38 0.73 14.18
CA SER B 90 -18.05 -0.02 15.41
C SER B 90 -17.47 -1.40 15.14
N GLY B 91 -17.49 -1.82 13.88
CA GLY B 91 -16.90 -3.07 13.48
C GLY B 91 -16.52 -3.01 12.01
N PRO B 92 -15.84 -4.05 11.51
CA PRO B 92 -15.52 -4.09 10.10
C PRO B 92 -16.78 -4.21 9.25
N ALA B 93 -16.72 -3.72 8.03
CA ALA B 93 -17.87 -3.73 7.15
C ALA B 93 -17.44 -3.43 5.73
N MET B 94 -18.33 -3.64 4.79
CA MET B 94 -18.05 -3.27 3.41
C MET B 94 -19.19 -2.56 2.75
N THR B 95 -18.87 -1.75 1.77
CA THR B 95 -19.87 -1.07 0.96
C THR B 95 -20.41 -2.08 -0.05
N GLU B 96 -21.41 -1.67 -0.82
CA GLU B 96 -21.81 -2.44 -1.96
C GLU B 96 -20.83 -2.18 -3.10
N ILE B 97 -20.94 -2.99 -4.14
CA ILE B 97 -20.22 -2.73 -5.37
C ILE B 97 -20.86 -1.55 -6.07
N VAL B 98 -20.04 -0.56 -6.36
CA VAL B 98 -20.46 0.70 -6.99
C VAL B 98 -19.71 0.94 -8.28
N GLU B 99 -20.39 1.48 -9.30
CA GLU B 99 -19.73 1.87 -10.53
C GLU B 99 -19.20 3.28 -10.44
N GLN B 100 -17.91 3.37 -10.12
CA GLN B 100 -17.20 4.64 -10.07
C GLN B 100 -16.66 5.02 -11.46
N PRO B 101 -16.34 6.31 -11.68
CA PRO B 101 -15.82 6.73 -12.99
C PRO B 101 -14.61 5.94 -13.49
N TRP B 102 -13.77 5.49 -12.56
CA TRP B 102 -12.55 4.74 -12.90
C TRP B 102 -12.73 3.23 -12.85
N GLY B 103 -13.86 2.74 -12.34
CA GLY B 103 -14.09 1.31 -12.30
C GLY B 103 -15.15 0.88 -11.31
N ARG B 104 -15.45 -0.41 -11.35
CA ARG B 104 -16.46 -1.02 -10.49
C ARG B 104 -15.73 -1.55 -9.26
N GLU B 105 -16.18 -1.16 -8.07
CA GLU B 105 -15.47 -1.52 -6.87
C GLU B 105 -16.32 -1.50 -5.60
N PHE B 106 -15.88 -2.27 -4.61
CA PHE B 106 -16.41 -2.15 -3.25
C PHE B 106 -15.26 -1.82 -2.32
N ALA B 107 -15.59 -1.24 -1.19
CA ALA B 107 -14.59 -0.94 -0.16
C ALA B 107 -14.87 -1.74 1.09
N LEU B 108 -13.81 -2.23 1.73
CA LEU B 108 -13.94 -2.98 2.95
C LEU B 108 -13.09 -2.26 4.00
N ARG B 109 -13.68 -1.98 5.14
CA ARG B 109 -12.95 -1.44 6.28
C ARG B 109 -12.68 -2.56 7.27
N ASP B 110 -11.41 -2.82 7.60
CA ASP B 110 -11.06 -3.91 8.48
C ASP B 110 -11.18 -3.47 9.95
N PRO B 111 -11.00 -4.39 10.91
CA PRO B 111 -11.17 -4.01 12.33
C PRO B 111 -10.29 -2.85 12.79
N ALA B 112 -9.11 -2.71 12.19
CA ALA B 112 -8.16 -1.70 12.60
C ALA B 112 -8.54 -0.34 12.02
N GLY B 113 -9.33 -0.35 10.94
CA GLY B 113 -9.81 0.85 10.30
C GLY B 113 -9.25 1.12 8.92
N ASN B 114 -8.40 0.22 8.41
CA ASN B 114 -7.89 0.35 7.05
C ASN B 114 -9.04 0.25 6.05
N CYS B 115 -8.98 1.02 4.97
CA CYS B 115 -9.98 0.95 3.93
C CYS B 115 -9.35 0.38 2.68
N VAL B 116 -9.75 -0.84 2.31
CA VAL B 116 -9.19 -1.55 1.18
C VAL B 116 -10.24 -1.66 0.11
N HIS B 117 -9.94 -1.11 -1.05
CA HIS B 117 -10.87 -1.08 -2.19
C HIS B 117 -10.56 -2.26 -3.10
N PHE B 118 -11.59 -2.95 -3.56
CA PHE B 118 -11.48 -4.09 -4.46
C PHE B 118 -12.14 -3.69 -5.74
N VAL B 119 -11.37 -3.64 -6.82
CA VAL B 119 -11.82 -3.10 -8.09
C VAL B 119 -11.80 -4.21 -9.14
N ALA B 120 -12.86 -4.31 -9.94
CA ALA B 120 -12.90 -5.28 -11.01
C ALA B 120 -11.95 -4.91 -12.14
N GLU B 121 -11.21 -5.90 -12.63
CA GLU B 121 -10.47 -5.72 -13.87
C GLU B 121 -11.41 -5.40 -15.03
N GLU B 122 -10.95 -4.56 -15.95
CA GLU B 122 -11.71 -4.23 -17.16
C GLU B 122 -11.48 -5.27 -18.25
S SO4 C . 21.06 -7.08 -9.22
O1 SO4 C . 22.44 -7.54 -9.13
O2 SO4 C . 20.72 -6.62 -10.56
O3 SO4 C . 20.19 -8.20 -8.90
O4 SO4 C . 20.89 -5.99 -8.27
NA BLM D . 10.38 3.91 15.00
C2 BLM D . 9.00 4.91 13.29
C1 BLM D . 9.24 3.84 14.32
O1 BLM D . 8.41 2.95 14.51
NC BLM D . 8.28 3.22 11.66
C3 BLM D . 7.90 4.46 12.32
NB BLM D . 10.24 5.17 12.57
ND BLM D . 5.00 2.13 12.02
C5 BLM D . 6.35 2.86 10.24
C4 BLM D . 5.90 1.78 11.20
O4 BLM D . 6.40 0.67 11.17
C8 BLM D . 8.02 5.72 7.80
C9 BLM D . 9.45 6.11 7.88
C10 BLM D . 10.28 5.33 8.82
NG BLM D . 9.68 4.35 9.54
C7 BLM D . 8.39 4.03 9.43
NE BLM D . 7.57 4.71 8.58
C6 BLM D . 7.87 2.94 10.29
NF BLM D . 7.12 6.31 6.97
CA BLM D . 10.06 7.22 7.05
C12 BLM D . 11.74 5.55 9.07
O12 BLM D . 12.38 6.43 8.47
NH BLM D . 12.30 4.74 9.96
C13 BLM D . 13.71 4.80 10.32
C30 BLM D . 14.57 3.77 9.60
O30 BLM D . 15.78 3.76 9.78
C14 BLM D . 13.79 4.64 11.85
C27 BLM D . 13.24 3.32 12.30
OH1 BLM D . 13.10 5.75 12.46
NJ BLM D . 12.10 2.64 12.07
C28 BLM D . 14.06 2.59 13.13
C29 BLM D . 12.19 1.48 12.75
NI BLM D . 13.39 1.45 13.41
NK BLM D . 14.00 2.90 8.77
C34 BLM D . 13.85 0.23 9.81
C36 BLM D . 13.01 -1.02 9.95
O36 BLM D . 13.50 -2.09 10.26
OH2 BLM D . 14.93 -0.48 7.71
C31 BLM D . 14.75 1.89 8.04
CB BLM D . 14.76 2.24 6.55
C33 BLM D . 14.10 0.53 8.31
CC BLM D . 15.13 0.17 10.67
NL BLM D . 11.72 -0.87 9.72
C37 BLM D . 10.75 -1.95 9.80
C40 BLM D . 11.01 -2.95 8.70
O40 BLM D . 11.34 -2.57 7.58
C38 BLM D . 9.40 -1.29 9.62
OH3 BLM D . 9.20 -0.30 10.63
CD BLM D . 8.25 -2.29 9.69
NM BLM D . 10.88 -4.22 9.03
C42 BLM D . 9.75 -5.50 7.45
C49 BLM D . 9.33 -13.71 5.40
O49 BLM D . 9.44 -14.80 5.95
C43 BLM D . 9.63 -6.85 6.78
C41 BLM D . 11.08 -5.34 8.13
S43 BLM D . 9.24 -6.77 5.08
C44 BLM D . 9.24 -8.52 5.05
C45 BLM D . 9.53 -8.97 6.31
NN BLM D . 9.75 -8.08 7.30
C47 BLM D . 9.83 -12.43 7.56
C48 BLM D . 9.52 -12.47 6.19
NO BLM D . 9.40 -11.23 5.67
C46 BLM D . 9.61 -10.31 6.63
S46 BLM D . 9.98 -10.83 8.24
NP BLM D . 8.95 -13.57 4.12
C50 BLM D . 8.68 -14.62 3.15
O59 BLM D . 14.16 7.89 16.40
O58 BLM D . 11.21 7.24 14.38
C61 BLM D . 14.37 4.95 16.40
O61 BLM D . 15.08 3.88 15.78
O56 BLM D . 12.61 8.58 12.45
C60 BLM D . 13.65 5.76 15.32
O62 BLM D . 14.57 6.02 14.25
C63 BLM D . 14.00 6.67 13.11
C57 BLM D . 13.36 7.99 13.52
C58 BLM D . 12.43 7.87 14.75
C59 BLM D . 13.11 7.08 15.85
C69 BLM D . 12.05 10.55 11.19
C68 BLM D . 12.07 9.85 9.84
C67 BLM D . 13.49 9.68 9.31
C65 BLM D . 14.40 9.00 10.32
O64 BLM D . 14.38 9.81 11.51
C64 BLM D . 13.08 9.89 12.12
O68 BLM D . 11.36 10.60 8.84
O67 BLM D . 13.40 8.89 8.12
O69 BLM D . 12.31 11.95 11.07
NQ BLM D . 9.28 11.22 7.93
C70 BLM D . 9.91 10.52 8.86
O70 BLM D . 9.35 9.83 9.69
O66 BLM D . 16.71 8.32 10.76
C66 BLM D . 15.83 8.87 9.77
S SO4 E . -18.13 -10.05 -12.26
O1 SO4 E . -17.68 -11.41 -12.02
O2 SO4 E . -17.05 -9.39 -12.98
O3 SO4 E . -19.34 -10.09 -13.07
O4 SO4 E . -18.41 -9.37 -11.00
S SO4 F . -24.34 -6.24 10.95
O1 SO4 F . -23.34 -6.47 11.99
O2 SO4 F . -24.24 -4.86 10.47
O3 SO4 F . -24.13 -7.18 9.85
O4 SO4 F . -25.66 -6.47 11.53
NA BLM G . -12.54 11.94 4.83
C2 BLM G . -11.25 10.47 6.21
C1 BLM G . -11.46 11.81 5.57
O1 BLM G . -10.66 12.73 5.75
NC BLM G . -10.26 9.33 4.20
C3 BLM G . -10.03 9.80 5.56
NB BLM G . -12.42 9.61 6.06
ND BLM G . -6.75 10.25 4.07
C5 BLM G . -8.06 8.29 4.06
C4 BLM G . -7.47 9.48 3.37
O4 BLM G . -7.70 9.62 2.19
C8 BLM G . -9.76 5.07 5.86
C9 BLM G . -11.23 4.92 5.97
C10 BLM G . -12.04 5.92 5.27
NG BLM G . -11.42 6.90 4.58
C7 BLM G . -10.08 6.99 4.52
NE BLM G . -9.28 6.11 5.15
C6 BLM G . -9.54 8.15 3.75
NF BLM G . -8.90 4.21 6.49
CA BLM G . -11.83 3.79 6.76
C12 BLM G . -13.52 5.92 5.23
O12 BLM G . -14.18 5.07 5.82
NH BLM G . -14.06 6.90 4.52
C13 BLM G . -15.50 7.09 4.38
C30 BLM G . -16.07 6.53 3.10
O30 BLM G . -17.28 6.53 2.97
C14 BLM G . -15.76 8.60 4.44
C27 BLM G . -14.94 9.35 3.45
OH1 BLM G . -15.42 9.03 5.76
NJ BLM G . -13.62 9.41 3.24
C28 BLM G . -15.60 10.17 2.56
C29 BLM G . -13.44 10.27 2.20
NI BLM G . -14.64 10.73 1.77
NK BLM G . -15.24 6.04 2.17
C34 BLM G . -14.95 7.68 -0.16
C36 BLM G . -13.98 8.19 -1.18
O36 BLM G . -14.36 8.66 -2.25
OH2 BLM G . -15.49 5.77 -1.49
C31 BLM G . -15.73 5.48 0.90
CB BLM G . -15.55 3.96 0.88
C33 BLM G . -14.94 6.14 -0.22
CC BLM G . -16.34 8.28 -0.38
NL BLM G . -12.70 8.11 -0.87
C37 BLM G . -11.71 8.62 -1.85
C40 BLM G . -11.56 7.70 -3.02
O40 BLM G . -11.70 6.49 -2.98
C38 BLM G . -10.36 8.98 -1.21
OH3 BLM G . -9.27 8.31 -1.88
CD BLM G . -10.25 8.76 0.30
NM BLM G . -11.29 8.37 -4.12
C42 BLM G . -9.79 7.21 -5.48
C49 BLM G . -8.22 7.16 -13.78
O49 BLM G . -8.53 7.84 -14.75
C43 BLM G . -9.46 6.92 -6.91
C41 BLM G . -11.14 7.84 -5.45
S43 BLM G . -8.90 5.29 -7.15
C44 BLM G . -8.70 5.65 -8.83
C45 BLM G . -9.06 6.96 -9.04
NN BLM G . -9.49 7.69 -8.01
C47 BLM G . -9.08 8.89 -12.16
C48 BLM G . -8.64 7.60 -12.44
NO BLM G . -8.60 6.82 -11.35
C46 BLM G . -9.02 7.54 -10.29
S46 BLM G . -9.48 9.18 -10.50
NP BLM G . -7.46 6.06 -13.86
C50 BLM G . -6.92 5.44 -15.06
O59 BLM G . -17.43 12.31 8.21
O58 BLM G . -14.08 10.92 7.80
C61 BLM G . -17.04 12.89 5.37
O61 BLM G . -17.61 12.42 4.15
O56 BLM G . -15.43 8.54 8.52
C60 BLM G . -16.38 11.73 6.08
O62 BLM G . -17.19 10.54 5.99
C63 BLM G . -16.56 9.37 6.55
C57 BLM G . -16.19 9.62 8.01
C58 BLM G . -15.45 10.94 8.25
C59 BLM G . -16.17 12.08 7.55
C69 BLM G . -15.13 6.97 10.30
C68 BLM G . -14.76 5.81 9.39
C67 BLM G . -15.98 5.13 8.79
C65 BLM G . -16.92 6.14 8.15
O64 BLM G . -17.24 7.17 9.08
C64 BLM G . -16.11 7.89 9.59
O68 BLM G . -14.13 4.79 10.14
O67 BLM G . -15.54 4.16 7.81
O69 BLM G . -15.79 6.48 11.48
NQ BLM G . -12.22 3.90 11.12
C70 BLM G . -12.71 4.90 10.39
O70 BLM G . -12.07 5.84 9.93
O66 BLM G . -19.01 6.46 7.06
C66 BLM G . -18.21 5.47 7.70
#